data_3M7H
#
_entry.id   3M7H
#
_cell.length_a   150.495
_cell.length_b   154.492
_cell.length_c   34.218
_cell.angle_alpha   90.00
_cell.angle_beta   90.00
_cell.angle_gamma   90.00
#
_symmetry.space_group_name_H-M   'P 21 21 2'
#
loop_
_entity.id
_entity.type
_entity.pdbx_description
1 polymer 'Putidacin L1'
2 water water
#
_entity_poly.entity_id   1
_entity_poly.type   'polypeptide(L)'
_entity_poly.pdbx_seq_one_letter_code
;MAGRTRIPFNGVGTSVLPAYQTLSAGQYLLSPNQRFKLLLQGDGNLVIQDNGATVWVANEQQPFSSTIPLRNKKAPLAFY
VQYGAFLDDYSRRRVWLTDNSTFTSNDQWNRTHLVLQDDGNIVLVDSLALWNGTPAIPLVPGAIDSLLLAPGSELVQGVV
YGAGASKLVFQGDGNLVAYGPNGAATWNAGTQGKGAVRAVFQGDGNLVVYGAGNAVLWHSHTGGHASAVLRLQANGSIAI
LDEKPVWARFGFQPTYRHIRKINPDQKPIDIWTWHF
;
_entity_poly.pdbx_strand_id   A,B
#
# COMPACT_ATOMS: atom_id res chain seq x y z
N ARG A 4 -21.04 10.41 -7.41
CA ARG A 4 -21.47 10.98 -6.13
C ARG A 4 -20.88 12.38 -5.84
N THR A 5 -21.71 13.26 -5.26
CA THR A 5 -21.33 14.66 -5.08
C THR A 5 -21.40 15.13 -3.63
N ARG A 6 -20.80 16.28 -3.37
CA ARG A 6 -20.64 16.76 -2.01
C ARG A 6 -21.74 17.72 -1.56
N ILE A 7 -21.97 17.74 -0.25
CA ILE A 7 -22.89 18.69 0.37
C ILE A 7 -22.14 19.47 1.46
N PRO A 8 -22.68 20.62 1.89
CA PRO A 8 -21.97 21.44 2.87
C PRO A 8 -21.96 20.81 4.26
N PHE A 9 -20.81 20.86 4.93
CA PHE A 9 -20.68 20.40 6.31
C PHE A 9 -21.55 21.23 7.24
N ASN A 10 -22.19 20.57 8.21
CA ASN A 10 -22.98 21.28 9.20
C ASN A 10 -22.85 20.67 10.59
N GLY A 11 -21.65 20.27 10.94
CA GLY A 11 -21.41 19.64 12.23
C GLY A 11 -20.31 20.35 12.98
N VAL A 12 -20.27 21.67 12.84
CA VAL A 12 -19.24 22.48 13.49
C VAL A 12 -19.17 22.18 14.98
N GLY A 13 -17.98 21.91 15.49
CA GLY A 13 -17.82 21.67 16.91
C GLY A 13 -17.99 20.22 17.33
N THR A 14 -18.45 19.36 16.43
CA THR A 14 -18.38 17.94 16.67
C THR A 14 -16.96 17.44 16.35
N SER A 15 -16.73 16.14 16.51
CA SER A 15 -15.39 15.57 16.37
C SER A 15 -15.16 14.80 15.06
N VAL A 16 -16.16 14.80 14.17
CA VAL A 16 -16.06 14.00 12.96
C VAL A 16 -16.53 14.76 11.69
N LEU A 17 -15.78 14.61 10.61
CA LEU A 17 -16.16 15.17 9.30
C LEU A 17 -16.55 13.99 8.40
N PRO A 18 -17.86 13.83 8.11
CA PRO A 18 -18.28 12.67 7.31
C PRO A 18 -17.79 12.73 5.88
N ALA A 19 -17.84 11.60 5.17
CA ALA A 19 -17.44 11.55 3.76
C ALA A 19 -18.26 12.50 2.89
N TYR A 20 -17.61 13.10 1.90
CA TYR A 20 -18.32 13.90 0.87
C TYR A 20 -19.08 15.09 1.44
N GLN A 21 -18.53 15.72 2.47
CA GLN A 21 -19.09 16.95 3.04
C GLN A 21 -18.01 18.03 3.01
N THR A 22 -18.37 19.22 2.54
CA THR A 22 -17.40 20.27 2.32
C THR A 22 -17.25 21.15 3.54
N LEU A 23 -16.06 21.15 4.13
CA LEU A 23 -15.74 22.05 5.23
C LEU A 23 -15.15 23.32 4.63
N SER A 24 -15.65 24.48 5.05
CA SER A 24 -15.19 25.74 4.47
C SER A 24 -14.70 26.69 5.55
N ALA A 25 -14.15 27.82 5.11
CA ALA A 25 -13.41 28.74 5.98
C ALA A 25 -14.25 29.13 7.19
N GLY A 26 -13.64 29.09 8.37
CA GLY A 26 -14.33 29.48 9.58
C GLY A 26 -14.95 28.30 10.32
N GLN A 27 -15.11 27.17 9.63
CA GLN A 27 -15.68 25.97 10.25
C GLN A 27 -14.59 25.14 10.92
N TYR A 28 -14.96 24.37 11.95
CA TYR A 28 -13.98 23.62 12.73
C TYR A 28 -14.53 22.36 13.40
N LEU A 29 -13.63 21.43 13.73
CA LEU A 29 -13.95 20.28 14.55
C LEU A 29 -13.36 20.50 15.95
N LEU A 30 -13.92 19.85 16.97
CA LEU A 30 -13.34 19.81 18.31
C LEU A 30 -13.22 18.37 18.80
N SER A 31 -12.16 18.06 19.53
CA SER A 31 -12.06 16.72 20.11
C SER A 31 -13.16 16.56 21.15
N PRO A 32 -13.56 15.33 21.46
CA PRO A 32 -14.64 15.21 22.44
C PRO A 32 -14.33 15.94 23.76
N ASN A 33 -13.08 15.95 24.19
CA ASN A 33 -12.71 16.59 25.45
C ASN A 33 -12.50 18.10 25.30
N GLN A 34 -12.67 18.61 24.08
CA GLN A 34 -12.63 20.06 23.81
C GLN A 34 -11.24 20.68 23.85
N ARG A 35 -10.22 19.88 24.09
CA ARG A 35 -8.86 20.42 24.13
C ARG A 35 -8.35 20.84 22.74
N PHE A 36 -8.64 20.04 21.72
CA PHE A 36 -8.12 20.29 20.37
C PHE A 36 -9.19 20.79 19.42
N LYS A 37 -8.76 21.64 18.48
CA LYS A 37 -9.63 22.18 17.44
C LYS A 37 -8.94 22.07 16.10
N LEU A 38 -9.68 21.61 15.09
CA LEU A 38 -9.17 21.57 13.72
C LEU A 38 -9.93 22.65 12.97
N LEU A 39 -9.20 23.61 12.42
CA LEU A 39 -9.82 24.82 11.89
C LEU A 39 -9.30 25.16 10.50
N LEU A 40 -10.21 25.44 9.58
CA LEU A 40 -9.83 26.00 8.28
C LEU A 40 -9.87 27.52 8.33
N GLN A 41 -8.70 28.15 8.27
CA GLN A 41 -8.59 29.60 8.41
C GLN A 41 -8.89 30.33 7.11
N GLY A 42 -9.33 31.58 7.24
CA GLY A 42 -9.63 32.42 6.10
C GLY A 42 -8.44 32.56 5.17
N ASP A 43 -7.24 32.46 5.71
CA ASP A 43 -6.03 32.66 4.90
C ASP A 43 -5.63 31.40 4.10
N GLY A 44 -6.40 30.33 4.27
CA GLY A 44 -6.18 29.10 3.50
C GLY A 44 -5.34 28.04 4.19
N ASN A 45 -4.87 28.32 5.40
CA ASN A 45 -4.19 27.32 6.22
C ASN A 45 -5.18 26.41 6.99
N LEU A 46 -4.96 25.10 6.94
CA LEU A 46 -5.69 24.15 7.78
C LEU A 46 -4.86 23.86 9.00
N VAL A 47 -5.44 24.09 10.17
CA VAL A 47 -4.68 24.19 11.41
C VAL A 47 -5.27 23.37 12.57
N ILE A 48 -4.40 22.87 13.44
CA ILE A 48 -4.85 22.27 14.69
C ILE A 48 -4.36 23.14 15.85
N GLN A 49 -5.27 23.49 16.75
CA GLN A 49 -4.93 24.30 17.92
C GLN A 49 -5.11 23.51 19.20
N ASP A 50 -4.18 23.72 20.14
CA ASP A 50 -4.18 23.03 21.41
C ASP A 50 -4.49 24.03 22.53
N ASN A 51 -5.63 23.83 23.19
CA ASN A 51 -6.11 24.82 24.15
C ASN A 51 -5.81 26.23 23.64
N GLY A 52 -6.01 26.45 22.35
CA GLY A 52 -6.01 27.78 21.77
C GLY A 52 -4.75 28.20 21.03
N ALA A 53 -3.75 27.32 21.02
CA ALA A 53 -2.48 27.63 20.36
C ALA A 53 -2.16 26.68 19.20
N THR A 54 -1.89 27.26 18.03
CA THR A 54 -1.56 26.47 16.83
C THR A 54 -0.34 25.58 17.06
N VAL A 55 -0.51 24.29 16.83
CA VAL A 55 0.57 23.33 17.03
C VAL A 55 0.82 22.47 15.78
N TRP A 56 0.06 22.72 14.71
CA TRP A 56 0.19 21.95 13.47
C TRP A 56 -0.45 22.68 12.29
N VAL A 57 0.19 22.56 11.13
CA VAL A 57 -0.31 23.18 9.91
C VAL A 57 -0.19 22.19 8.75
N ALA A 58 -1.23 22.10 7.91
CA ALA A 58 -1.18 21.22 6.75
C ALA A 58 -0.24 21.78 5.69
N ASN A 59 0.89 21.12 5.49
CA ASN A 59 1.79 21.49 4.38
C ASN A 59 2.72 20.37 3.90
N GLU A 60 3.66 20.74 3.03
CA GLU A 60 4.52 19.78 2.35
C GLU A 60 5.39 18.97 3.30
N GLN A 61 5.55 19.48 4.51
CA GLN A 61 6.41 18.81 5.47
C GLN A 61 5.75 17.63 6.20
N GLN A 62 4.44 17.50 6.11
CA GLN A 62 3.75 16.38 6.76
C GLN A 62 4.04 15.06 6.07
N PRO A 63 4.58 14.09 6.82
CA PRO A 63 4.80 12.76 6.25
C PRO A 63 3.52 12.12 5.68
N PHE A 64 3.68 11.37 4.60
CA PHE A 64 2.57 10.68 3.94
C PHE A 64 1.47 11.63 3.47
N SER A 65 1.89 12.76 2.92
CA SER A 65 0.97 13.66 2.23
C SER A 65 1.65 14.17 0.98
N SER A 66 0.85 14.49 -0.04
CA SER A 66 1.37 15.04 -1.28
C SER A 66 0.79 16.43 -1.50
N THR A 67 1.54 17.28 -2.21
CA THR A 67 1.02 18.55 -2.69
C THR A 67 1.17 18.62 -4.21
N ILE A 68 0.06 18.85 -4.91
CA ILE A 68 0.05 19.00 -6.37
C ILE A 68 -0.58 20.34 -6.75
N PRO A 69 -0.40 20.76 -8.02
CA PRO A 69 -0.89 22.07 -8.47
C PRO A 69 -2.42 22.11 -8.59
N LEU A 70 -3.02 23.22 -8.22
CA LEU A 70 -4.43 23.44 -8.50
C LEU A 70 -4.50 24.49 -9.62
N ARG A 71 -5.05 24.10 -10.76
CA ARG A 71 -5.08 25.00 -11.93
C ARG A 71 -6.36 25.82 -11.97
N ASN A 72 -7.47 25.16 -11.62
CA ASN A 72 -8.80 25.78 -11.63
C ASN A 72 -8.93 26.96 -10.68
N LYS A 73 -8.97 28.17 -11.24
CA LYS A 73 -9.06 29.38 -10.43
C LYS A 73 -10.44 29.59 -9.79
N LYS A 74 -11.42 28.82 -10.23
CA LYS A 74 -12.79 28.94 -9.73
C LYS A 74 -13.07 28.03 -8.54
N ALA A 75 -12.03 27.37 -8.04
CA ALA A 75 -12.19 26.43 -6.93
C ALA A 75 -12.15 27.14 -5.58
N PRO A 76 -13.28 27.11 -4.87
CA PRO A 76 -13.39 27.69 -3.52
C PRO A 76 -12.45 27.03 -2.52
N LEU A 77 -12.02 27.79 -1.51
CA LEU A 77 -11.30 27.24 -0.37
C LEU A 77 -12.18 26.19 0.30
N ALA A 78 -11.71 24.94 0.32
CA ALA A 78 -12.50 23.84 0.86
C ALA A 78 -11.65 22.68 1.32
N PHE A 79 -12.15 21.94 2.31
CA PHE A 79 -11.48 20.75 2.82
C PHE A 79 -12.53 19.65 2.89
N TYR A 80 -12.24 18.48 2.34
CA TYR A 80 -13.23 17.39 2.33
C TYR A 80 -12.57 16.01 2.26
N VAL A 81 -13.35 14.96 2.54
CA VAL A 81 -12.88 13.59 2.51
C VAL A 81 -13.56 12.75 1.43
N GLN A 82 -12.76 12.06 0.63
CA GLN A 82 -13.25 11.14 -0.41
C GLN A 82 -12.25 9.99 -0.46
N TYR A 83 -12.39 9.09 0.51
CA TYR A 83 -11.34 8.17 0.93
C TYR A 83 -10.12 8.93 1.47
N GLY A 84 -9.33 9.55 0.59
CA GLY A 84 -8.29 10.44 1.05
C GLY A 84 -8.90 11.77 1.47
N ALA A 85 -8.15 12.61 2.19
CA ALA A 85 -8.57 13.98 2.49
C ALA A 85 -7.92 14.99 1.54
N PHE A 86 -8.65 16.06 1.20
CA PHE A 86 -8.16 17.05 0.23
C PHE A 86 -8.37 18.46 0.73
N LEU A 87 -7.36 19.30 0.53
CA LEU A 87 -7.46 20.72 0.81
C LEU A 87 -7.22 21.49 -0.50
N ASP A 88 -8.28 22.10 -1.04
CA ASP A 88 -8.19 22.95 -2.24
C ASP A 88 -7.91 24.39 -1.85
N ASP A 89 -6.72 24.88 -2.15
CA ASP A 89 -6.33 26.21 -1.74
C ASP A 89 -5.74 27.00 -2.92
N TYR A 90 -6.62 27.62 -3.71
CA TYR A 90 -6.17 28.30 -4.93
C TYR A 90 -5.27 29.50 -4.65
N SER A 91 -5.33 30.03 -3.43
CA SER A 91 -4.50 31.18 -3.07
C SER A 91 -3.02 30.81 -3.12
N ARG A 92 -2.73 29.51 -3.04
CA ARG A 92 -1.36 29.04 -3.15
C ARG A 92 -1.21 28.05 -4.30
N ARG A 93 -2.18 28.05 -5.21
CA ARG A 93 -2.18 27.18 -6.38
C ARG A 93 -1.92 25.71 -6.03
N ARG A 94 -2.52 25.23 -4.95
CA ARG A 94 -2.18 23.90 -4.43
C ARG A 94 -3.39 23.05 -4.03
N VAL A 95 -3.22 21.74 -4.14
CA VAL A 95 -4.09 20.78 -3.49
C VAL A 95 -3.18 20.00 -2.57
N TRP A 96 -3.51 19.98 -1.29
CA TRP A 96 -2.78 19.18 -0.32
C TRP A 96 -3.66 17.98 -0.03
N LEU A 97 -3.08 16.80 -0.04
CA LEU A 97 -3.85 15.57 0.10
C LEU A 97 -3.10 14.50 0.88
N THR A 98 -3.83 13.56 1.46
CA THR A 98 -3.22 12.50 2.26
C THR A 98 -2.92 11.26 1.41
N ASP A 99 -1.80 10.60 1.72
CA ASP A 99 -1.47 9.32 1.10
C ASP A 99 -1.95 8.18 2.01
N ASN A 100 -3.16 7.69 1.76
CA ASN A 100 -3.76 6.62 2.57
C ASN A 100 -3.11 5.25 2.35
N SER A 101 -3.40 4.34 3.28
CA SER A 101 -3.14 2.92 3.06
C SER A 101 -3.81 2.47 1.77
N THR A 102 -3.27 1.42 1.17
CA THR A 102 -3.86 0.79 0.00
C THR A 102 -5.34 0.47 0.23
N PHE A 103 -6.19 0.89 -0.71
CA PHE A 103 -7.63 0.67 -0.62
C PHE A 103 -7.96 -0.78 -0.95
N THR A 104 -9.06 -1.27 -0.39
CA THR A 104 -9.44 -2.66 -0.59
C THR A 104 -10.76 -2.82 -1.35
N SER A 105 -11.57 -1.76 -1.38
CA SER A 105 -12.80 -1.77 -2.15
C SER A 105 -13.33 -0.37 -2.34
N ASN A 106 -14.09 -0.18 -3.42
CA ASN A 106 -14.67 1.12 -3.73
C ASN A 106 -15.66 1.58 -2.66
N ASP A 107 -16.23 0.60 -1.98
CA ASP A 107 -17.18 0.90 -0.91
C ASP A 107 -16.56 1.73 0.19
N GLN A 108 -15.25 1.61 0.37
CA GLN A 108 -14.56 2.42 1.38
C GLN A 108 -14.79 3.92 1.22
N TRP A 109 -15.08 4.36 -0.02
CA TRP A 109 -15.23 5.79 -0.29
C TRP A 109 -16.46 6.34 0.44
N ASN A 110 -17.47 5.51 0.64
CA ASN A 110 -18.71 5.90 1.33
C ASN A 110 -18.56 5.86 2.85
N ARG A 111 -17.70 4.98 3.37
CA ARG A 111 -17.59 4.74 4.81
C ARG A 111 -16.49 5.49 5.57
N THR A 112 -15.59 6.16 4.84
CA THR A 112 -14.39 6.72 5.47
C THR A 112 -14.59 8.18 5.87
N HIS A 113 -14.41 8.45 7.15
CA HIS A 113 -14.59 9.81 7.68
C HIS A 113 -13.35 10.25 8.48
N LEU A 114 -13.24 11.55 8.75
CA LEU A 114 -12.13 12.07 9.53
C LEU A 114 -12.54 12.28 10.99
N VAL A 115 -11.70 11.81 11.91
CA VAL A 115 -11.93 11.92 13.35
C VAL A 115 -10.83 12.77 13.99
N LEU A 116 -11.22 13.74 14.82
CA LEU A 116 -10.26 14.45 15.66
C LEU A 116 -10.28 13.86 17.06
N GLN A 117 -9.27 13.05 17.38
CA GLN A 117 -9.22 12.29 18.64
C GLN A 117 -8.82 13.15 19.83
N ASP A 118 -9.15 12.67 21.04
CA ASP A 118 -8.77 13.34 22.29
C ASP A 118 -7.25 13.49 22.49
N ASP A 119 -6.43 12.77 21.71
CA ASP A 119 -4.97 12.91 21.86
C ASP A 119 -4.38 13.90 20.86
N GLY A 120 -5.24 14.57 20.11
CA GLY A 120 -4.76 15.55 19.14
C GLY A 120 -4.44 15.00 17.75
N ASN A 121 -4.50 13.68 17.56
CA ASN A 121 -4.28 13.09 16.24
C ASN A 121 -5.53 13.27 15.40
N ILE A 122 -5.37 13.48 14.09
CA ILE A 122 -6.51 13.39 13.18
C ILE A 122 -6.35 12.11 12.38
N VAL A 123 -7.43 11.35 12.26
CA VAL A 123 -7.32 10.00 11.75
C VAL A 123 -8.45 9.74 10.78
N LEU A 124 -8.12 9.19 9.61
CA LEU A 124 -9.13 8.75 8.65
C LEU A 124 -9.53 7.32 8.99
N VAL A 125 -10.83 7.11 9.22
CA VAL A 125 -11.31 5.82 9.67
C VAL A 125 -12.37 5.25 8.74
N ASP A 126 -12.14 4.03 8.29
CA ASP A 126 -13.12 3.28 7.51
C ASP A 126 -14.11 2.68 8.52
N SER A 127 -15.31 3.27 8.60
CA SER A 127 -16.22 3.00 9.71
C SER A 127 -17.59 2.50 9.29
N LEU A 128 -18.00 1.37 9.85
CA LEU A 128 -19.31 0.78 9.53
C LEU A 128 -20.03 0.44 10.84
N ALA A 129 -21.20 1.04 11.05
CA ALA A 129 -22.03 0.74 12.21
C ALA A 129 -22.89 -0.48 11.90
N LEU A 130 -22.52 -1.63 12.45
CA LEU A 130 -23.28 -2.86 12.23
C LEU A 130 -24.65 -2.81 12.92
N TRP A 131 -24.68 -2.21 14.11
CA TRP A 131 -25.92 -2.10 14.89
C TRP A 131 -25.89 -0.81 15.72
N ASN A 132 -26.98 -0.07 15.71
CA ASN A 132 -27.05 1.19 16.43
C ASN A 132 -28.31 1.17 17.28
N GLY A 133 -28.16 1.04 18.59
CA GLY A 133 -29.30 0.89 19.46
C GLY A 133 -30.04 2.19 19.70
N THR A 134 -29.35 3.31 19.43
CA THR A 134 -29.86 4.63 19.81
C THR A 134 -29.68 5.60 18.65
N PRO A 135 -30.47 5.42 17.59
CA PRO A 135 -30.26 6.15 16.33
C PRO A 135 -30.38 7.67 16.51
N ALA A 136 -31.11 8.14 17.51
CA ALA A 136 -31.26 9.57 17.69
C ALA A 136 -30.10 10.23 18.45
N ILE A 137 -29.19 9.42 18.99
CA ILE A 137 -28.04 9.96 19.69
C ILE A 137 -26.81 9.86 18.79
N PRO A 138 -26.11 10.99 18.60
CA PRO A 138 -24.97 11.05 17.68
C PRO A 138 -23.85 10.09 18.06
N LEU A 139 -23.24 9.46 17.06
CA LEU A 139 -22.03 8.67 17.29
C LEU A 139 -20.90 9.67 17.50
N VAL A 140 -20.06 9.44 18.51
CA VAL A 140 -18.96 10.34 18.84
C VAL A 140 -17.65 9.54 18.99
N PRO A 141 -16.89 9.41 17.90
CA PRO A 141 -15.63 8.64 17.95
C PRO A 141 -14.50 9.45 18.61
N GLY A 142 -13.50 8.78 19.17
CA GLY A 142 -12.27 9.45 19.61
C GLY A 142 -12.27 10.02 21.02
N ALA A 143 -13.21 9.57 21.84
CA ALA A 143 -13.34 10.06 23.22
C ALA A 143 -12.66 9.11 24.19
N ILE A 144 -11.75 9.63 25.03
CA ILE A 144 -11.18 8.75 26.05
C ILE A 144 -12.25 8.28 27.04
N ASP A 145 -13.38 9.01 27.07
CA ASP A 145 -14.57 8.71 27.89
C ASP A 145 -15.31 7.41 27.60
N SER A 146 -15.31 7.01 26.35
CA SER A 146 -16.17 5.92 25.93
C SER A 146 -15.72 4.61 26.53
N LEU A 147 -16.68 3.73 26.78
CA LEU A 147 -16.39 2.36 27.19
C LEU A 147 -16.43 1.45 25.95
N LEU A 148 -15.35 0.70 25.73
CA LEU A 148 -15.31 -0.30 24.65
C LEU A 148 -15.26 -1.70 25.23
N LEU A 149 -16.07 -2.60 24.71
CA LEU A 149 -15.91 -4.01 25.06
C LEU A 149 -15.46 -4.77 23.81
N ALA A 150 -14.42 -5.59 23.99
CA ALA A 150 -13.91 -6.44 22.93
C ALA A 150 -14.74 -7.72 22.81
N PRO A 151 -14.77 -8.31 21.61
CA PRO A 151 -15.48 -9.58 21.42
C PRO A 151 -14.99 -10.61 22.44
N GLY A 152 -15.92 -11.36 23.03
CA GLY A 152 -15.58 -12.31 24.09
C GLY A 152 -15.69 -11.76 25.51
N SER A 153 -16.53 -10.76 25.70
CA SER A 153 -16.68 -10.12 27.01
C SER A 153 -18.04 -10.44 27.63
N GLU A 154 -18.01 -11.04 28.82
CA GLU A 154 -19.24 -11.30 29.58
C GLU A 154 -19.70 -10.03 30.25
N LEU A 155 -21.00 -9.75 30.17
CA LEU A 155 -21.58 -8.71 31.02
C LEU A 155 -22.08 -9.40 32.26
N VAL A 156 -21.28 -9.32 33.33
CA VAL A 156 -21.63 -9.95 34.60
C VAL A 156 -22.88 -9.33 35.24
N GLN A 157 -23.89 -10.16 35.51
CA GLN A 157 -25.13 -9.66 36.09
C GLN A 157 -24.92 -8.77 37.32
N GLY A 158 -25.47 -7.57 37.27
CA GLY A 158 -25.41 -6.65 38.39
C GLY A 158 -24.25 -5.67 38.35
N VAL A 159 -23.22 -5.97 37.55
CA VAL A 159 -22.10 -5.05 37.45
C VAL A 159 -22.44 -3.81 36.63
N VAL A 160 -22.06 -2.65 37.13
CA VAL A 160 -22.33 -1.40 36.43
C VAL A 160 -21.12 -0.96 35.61
N TYR A 161 -21.21 -1.07 34.28
CA TYR A 161 -20.13 -0.64 33.40
C TYR A 161 -20.36 0.81 32.97
N GLY A 162 -19.45 1.68 33.34
CA GLY A 162 -19.68 3.12 33.17
C GLY A 162 -18.92 3.76 32.02
N ALA A 163 -19.50 4.83 31.48
CA ALA A 163 -18.83 5.70 30.52
C ALA A 163 -19.25 7.12 30.88
N GLY A 164 -18.37 7.84 31.56
CA GLY A 164 -18.77 9.12 32.12
C GLY A 164 -19.97 8.90 33.03
N ALA A 165 -21.05 9.64 32.81
CA ALA A 165 -22.24 9.54 33.65
C ALA A 165 -23.22 8.48 33.14
N SER A 166 -22.94 7.91 31.97
CA SER A 166 -23.76 6.88 31.39
C SER A 166 -23.36 5.50 31.87
N LYS A 167 -24.23 4.50 31.71
CA LYS A 167 -23.90 3.14 32.15
C LYS A 167 -24.64 2.06 31.38
N LEU A 168 -24.07 0.86 31.38
CA LEU A 168 -24.67 -0.31 30.78
C LEU A 168 -24.74 -1.41 31.86
N VAL A 169 -25.91 -2.02 32.05
CA VAL A 169 -26.11 -2.98 33.13
C VAL A 169 -26.95 -4.19 32.72
N PHE A 170 -26.45 -5.39 32.95
CA PHE A 170 -27.30 -6.57 32.88
C PHE A 170 -27.94 -6.72 34.27
N GLN A 171 -29.21 -6.34 34.40
CA GLN A 171 -29.81 -6.09 35.71
C GLN A 171 -30.29 -7.35 36.44
N GLY A 172 -30.58 -7.18 37.72
CA GLY A 172 -31.20 -8.25 38.50
C GLY A 172 -32.49 -8.77 37.90
N ASP A 173 -33.31 -7.90 37.30
CA ASP A 173 -34.58 -8.36 36.69
C ASP A 173 -34.39 -9.05 35.33
N GLY A 174 -33.15 -9.14 34.85
CA GLY A 174 -32.87 -9.80 33.60
C GLY A 174 -32.84 -8.90 32.37
N ASN A 175 -33.18 -7.63 32.54
CA ASN A 175 -33.12 -6.70 31.42
C ASN A 175 -31.68 -6.22 31.19
N LEU A 176 -31.33 -5.99 29.92
CA LEU A 176 -30.05 -5.37 29.58
C LEU A 176 -30.34 -3.93 29.17
N VAL A 177 -29.79 -2.97 29.92
CA VAL A 177 -30.22 -1.57 29.78
C VAL A 177 -29.03 -0.60 29.71
N ALA A 178 -29.10 0.35 28.79
CA ALA A 178 -28.15 1.44 28.76
C ALA A 178 -28.83 2.71 29.29
N TYR A 179 -28.13 3.44 30.16
CA TYR A 179 -28.68 4.67 30.75
C TYR A 179 -27.87 5.87 30.29
N GLY A 180 -28.55 6.96 29.95
CA GLY A 180 -27.88 8.20 29.56
C GLY A 180 -27.47 9.04 30.75
N PRO A 181 -26.88 10.22 30.51
CA PRO A 181 -26.28 11.04 31.56
C PRO A 181 -27.30 11.64 32.52
N ASN A 182 -28.54 11.78 32.08
CA ASN A 182 -29.60 12.33 32.93
C ASN A 182 -30.30 11.25 33.75
N GLY A 183 -29.75 10.04 33.72
CA GLY A 183 -30.27 8.95 34.53
C GLY A 183 -31.39 8.15 33.88
N ALA A 184 -31.89 8.61 32.73
CA ALA A 184 -32.96 7.90 32.04
C ALA A 184 -32.43 6.86 31.02
N ALA A 185 -33.23 5.83 30.76
CA ALA A 185 -32.82 4.75 29.87
C ALA A 185 -32.79 5.22 28.44
N THR A 186 -31.70 4.96 27.72
CA THR A 186 -31.65 5.30 26.30
C THR A 186 -32.00 4.11 25.40
N TRP A 187 -31.78 2.89 25.90
CA TRP A 187 -32.05 1.66 25.15
C TRP A 187 -32.18 0.48 26.12
N ASN A 188 -33.03 -0.48 25.80
CA ASN A 188 -33.06 -1.75 26.54
C ASN A 188 -33.42 -2.92 25.64
N ALA A 189 -32.98 -4.12 26.00
CA ALA A 189 -33.26 -5.29 25.20
C ALA A 189 -34.69 -5.79 25.39
N GLY A 190 -35.33 -5.37 26.48
CA GLY A 190 -36.67 -5.83 26.80
C GLY A 190 -36.72 -7.28 27.26
N THR A 191 -35.72 -7.70 28.01
CA THR A 191 -35.65 -9.10 28.45
C THR A 191 -35.99 -9.29 29.93
N GLN A 192 -36.58 -8.28 30.56
CA GLN A 192 -36.95 -8.43 31.98
C GLN A 192 -38.04 -9.49 32.13
N GLY A 193 -37.92 -10.31 33.17
CA GLY A 193 -38.93 -11.30 33.49
C GLY A 193 -39.11 -12.44 32.50
N LYS A 194 -38.08 -12.73 31.71
CA LYS A 194 -38.12 -13.83 30.75
C LYS A 194 -37.15 -14.93 31.16
N GLY A 195 -36.57 -14.82 32.34
CA GLY A 195 -35.63 -15.82 32.83
C GLY A 195 -34.23 -15.74 32.24
N ALA A 196 -33.78 -14.53 31.89
CA ALA A 196 -32.43 -14.37 31.32
C ALA A 196 -31.37 -14.81 32.33
N VAL A 197 -30.40 -15.61 31.88
CA VAL A 197 -29.31 -16.01 32.79
C VAL A 197 -27.96 -15.40 32.44
N ARG A 198 -27.79 -14.98 31.19
CA ARG A 198 -26.47 -14.61 30.71
C ARG A 198 -26.53 -13.54 29.61
N ALA A 199 -25.61 -12.58 29.67
CA ALA A 199 -25.50 -11.58 28.61
C ALA A 199 -24.04 -11.48 28.19
N VAL A 200 -23.80 -11.62 26.90
CA VAL A 200 -22.41 -11.67 26.43
C VAL A 200 -22.20 -11.04 25.04
N PHE A 201 -21.15 -10.22 24.92
CA PHE A 201 -20.71 -9.75 23.62
C PHE A 201 -19.75 -10.81 23.10
N GLN A 202 -20.23 -11.65 22.18
CA GLN A 202 -19.51 -12.88 21.81
C GLN A 202 -18.26 -12.68 20.93
N GLY A 203 -17.42 -13.71 20.89
CA GLY A 203 -16.25 -13.71 20.03
C GLY A 203 -16.58 -13.47 18.56
N ASP A 204 -17.79 -13.83 18.14
CA ASP A 204 -18.20 -13.66 16.74
C ASP A 204 -18.80 -12.29 16.47
N GLY A 205 -18.76 -11.40 17.47
CA GLY A 205 -19.27 -10.05 17.31
C GLY A 205 -20.77 -9.89 17.54
N ASN A 206 -21.43 -10.96 17.98
CA ASN A 206 -22.86 -10.87 18.28
C ASN A 206 -23.13 -10.55 19.77
N LEU A 207 -24.00 -9.58 20.03
CA LEU A 207 -24.44 -9.30 21.40
C LEU A 207 -25.68 -10.15 21.71
N VAL A 208 -25.59 -11.03 22.71
CA VAL A 208 -26.66 -11.99 22.95
C VAL A 208 -27.09 -12.08 24.42
N VAL A 209 -28.42 -12.10 24.64
CA VAL A 209 -28.97 -12.38 25.96
C VAL A 209 -29.59 -13.78 25.94
N TYR A 210 -29.07 -14.66 26.78
CA TYR A 210 -29.49 -16.06 26.82
C TYR A 210 -30.40 -16.34 28.01
N GLY A 211 -31.42 -17.17 27.80
CA GLY A 211 -32.28 -17.63 28.89
C GLY A 211 -31.87 -19.02 29.38
N ALA A 212 -32.76 -19.65 30.13
CA ALA A 212 -32.50 -20.99 30.61
C ALA A 212 -32.51 -21.97 29.44
N GLY A 213 -31.56 -22.89 29.42
CA GLY A 213 -31.46 -23.86 28.35
C GLY A 213 -30.80 -23.30 27.11
N ASN A 214 -29.91 -22.34 27.32
CA ASN A 214 -29.15 -21.75 26.23
C ASN A 214 -30.07 -21.14 25.17
N ALA A 215 -31.30 -20.85 25.56
CA ALA A 215 -32.29 -20.25 24.66
C ALA A 215 -31.94 -18.80 24.39
N VAL A 216 -32.14 -18.35 23.16
CA VAL A 216 -31.84 -16.97 22.79
C VAL A 216 -33.03 -16.07 23.07
N LEU A 217 -32.82 -15.05 23.89
CA LEU A 217 -33.90 -14.12 24.23
C LEU A 217 -33.87 -12.85 23.39
N TRP A 218 -32.66 -12.44 23.00
CA TRP A 218 -32.47 -11.23 22.21
C TRP A 218 -31.04 -11.25 21.67
N HIS A 219 -30.84 -10.70 20.48
CA HIS A 219 -29.49 -10.51 19.96
C HIS A 219 -29.46 -9.41 18.91
N SER A 220 -28.27 -8.86 18.69
CA SER A 220 -28.10 -7.69 17.83
C SER A 220 -28.00 -8.03 16.33
N HIS A 221 -27.98 -9.32 15.99
CA HIS A 221 -27.88 -9.77 14.60
C HIS A 221 -26.59 -9.28 13.97
N THR A 222 -25.51 -9.25 14.73
CA THR A 222 -24.22 -8.85 14.17
C THR A 222 -23.23 -10.01 14.17
N GLY A 223 -23.74 -11.25 14.11
CA GLY A 223 -22.87 -12.42 14.06
C GLY A 223 -21.96 -12.37 12.85
N GLY A 224 -20.75 -12.92 12.98
CA GLY A 224 -19.80 -13.02 11.89
C GLY A 224 -18.85 -11.85 11.67
N HIS A 225 -18.64 -11.05 12.71
CA HIS A 225 -17.71 -9.92 12.62
C HIS A 225 -16.78 -9.93 13.80
N ALA A 226 -15.72 -10.72 13.73
CA ALA A 226 -14.85 -10.94 14.88
C ALA A 226 -13.99 -9.72 15.21
N SER A 227 -14.04 -8.70 14.37
CA SER A 227 -13.23 -7.50 14.59
C SER A 227 -14.05 -6.32 15.11
N ALA A 228 -15.35 -6.49 15.22
CA ALA A 228 -16.23 -5.43 15.75
C ALA A 228 -15.92 -5.12 17.22
N VAL A 229 -16.32 -3.95 17.69
CA VAL A 229 -16.34 -3.64 19.13
C VAL A 229 -17.71 -3.08 19.53
N LEU A 230 -18.01 -3.22 20.82
CA LEU A 230 -19.22 -2.64 21.40
C LEU A 230 -18.83 -1.37 22.12
N ARG A 231 -19.51 -0.27 21.84
CA ARG A 231 -19.14 0.99 22.46
C ARG A 231 -20.34 1.66 23.14
N LEU A 232 -20.13 2.06 24.40
CA LEU A 232 -21.08 2.90 25.11
C LEU A 232 -20.43 4.25 25.24
N GLN A 233 -21.09 5.31 24.77
CA GLN A 233 -20.53 6.66 24.86
C GLN A 233 -21.06 7.38 26.12
N ALA A 234 -20.37 8.42 26.53
CA ALA A 234 -20.78 9.17 27.71
C ALA A 234 -22.11 9.86 27.47
N ASN A 235 -22.49 10.04 26.21
CA ASN A 235 -23.78 10.66 25.90
C ASN A 235 -24.97 9.69 25.86
N GLY A 236 -24.75 8.43 26.21
CA GLY A 236 -25.82 7.43 26.23
C GLY A 236 -25.97 6.58 24.98
N SER A 237 -25.16 6.86 23.95
CA SER A 237 -25.18 6.06 22.73
C SER A 237 -24.67 4.65 22.98
N ILE A 238 -25.32 3.66 22.37
CA ILE A 238 -24.77 2.30 22.38
C ILE A 238 -24.82 1.72 20.96
N ALA A 239 -23.69 1.17 20.51
CA ALA A 239 -23.61 0.65 19.14
C ALA A 239 -22.48 -0.35 18.98
N ILE A 240 -22.54 -1.11 17.90
CA ILE A 240 -21.51 -2.08 17.56
C ILE A 240 -20.90 -1.71 16.20
N LEU A 241 -19.58 -1.55 16.15
CA LEU A 241 -18.93 -0.94 14.99
C LEU A 241 -17.77 -1.77 14.49
N ASP A 242 -17.61 -1.79 13.17
CA ASP A 242 -16.49 -2.46 12.54
C ASP A 242 -15.63 -1.34 11.92
N GLU A 243 -14.45 -1.09 12.48
CA GLU A 243 -13.66 0.08 12.09
C GLU A 243 -12.19 -0.21 11.93
N LYS A 244 -11.56 0.44 10.94
CA LYS A 244 -10.10 0.44 10.82
C LYS A 244 -9.61 1.75 10.23
N PRO A 245 -8.44 2.23 10.71
CA PRO A 245 -7.88 3.51 10.28
C PRO A 245 -7.07 3.35 9.00
N VAL A 246 -7.04 4.37 8.16
CA VAL A 246 -6.28 4.33 6.91
C VAL A 246 -5.29 5.50 6.75
N TRP A 247 -5.22 6.37 7.76
CA TRP A 247 -4.29 7.52 7.76
C TRP A 247 -4.38 8.29 9.09
N ALA A 248 -3.27 8.90 9.49
CA ALA A 248 -3.21 9.78 10.66
C ALA A 248 -2.01 10.73 10.54
N ARG A 249 -2.05 11.87 11.23
CA ARG A 249 -0.97 12.86 11.13
C ARG A 249 0.29 12.43 11.88
N PHE A 250 0.13 11.63 12.94
CA PHE A 250 1.28 11.01 13.59
C PHE A 250 1.03 9.56 13.94
N GLY A 251 2.08 8.83 14.25
CA GLY A 251 1.96 7.43 14.61
C GLY A 251 1.81 6.50 13.42
N PHE A 252 0.93 6.87 12.48
CA PHE A 252 0.61 6.07 11.30
C PHE A 252 1.82 5.86 10.40
N GLN A 253 2.02 4.61 9.96
CA GLN A 253 2.85 4.29 8.80
C GLN A 253 2.14 3.24 7.98
N PRO A 254 2.21 3.36 6.65
CA PRO A 254 1.39 2.56 5.72
C PRO A 254 1.54 1.05 5.92
N THR A 255 2.71 0.62 6.40
CA THR A 255 2.96 -0.81 6.57
C THR A 255 2.79 -1.31 8.02
N TYR A 256 2.58 -0.41 8.97
CA TYR A 256 2.41 -0.81 10.37
C TYR A 256 1.06 -1.46 10.62
N ARG A 257 0.97 -2.23 11.70
CA ARG A 257 -0.31 -2.80 12.11
C ARG A 257 -1.04 -1.77 12.98
N HIS A 258 -2.34 -1.59 12.75
CA HIS A 258 -3.10 -0.67 13.59
C HIS A 258 -3.59 -1.37 14.85
N ILE A 259 -3.70 -0.62 15.94
CA ILE A 259 -4.20 -1.15 17.20
C ILE A 259 -4.77 -0.05 18.10
N ARG A 260 -5.72 -0.39 18.97
CA ARG A 260 -6.27 0.58 19.92
C ARG A 260 -5.41 0.69 21.16
N LYS A 261 -5.23 1.90 21.67
CA LYS A 261 -4.51 2.09 22.93
C LYS A 261 -5.27 1.37 24.05
N ILE A 262 -4.57 1.03 25.13
CA ILE A 262 -5.17 0.33 26.26
C ILE A 262 -4.93 1.03 27.60
N ASN A 263 -5.89 0.86 28.51
CA ASN A 263 -5.75 1.28 29.90
C ASN A 263 -4.72 0.43 30.63
N PRO A 264 -4.29 0.86 31.81
CA PRO A 264 -3.42 -0.03 32.60
C PRO A 264 -4.18 -1.31 32.99
N ASP A 265 -5.52 -1.23 32.95
CA ASP A 265 -6.39 -2.38 33.20
C ASP A 265 -6.54 -3.34 32.01
N GLN A 266 -5.82 -3.06 30.92
CA GLN A 266 -5.88 -3.90 29.72
C GLN A 266 -7.11 -3.65 28.85
N LYS A 267 -8.05 -2.83 29.32
CA LYS A 267 -9.23 -2.48 28.54
C LYS A 267 -8.88 -1.51 27.38
N PRO A 268 -9.46 -1.74 26.19
CA PRO A 268 -9.17 -0.92 25.02
C PRO A 268 -9.86 0.44 25.13
N ILE A 269 -9.23 1.46 24.56
CA ILE A 269 -9.70 2.83 24.56
C ILE A 269 -9.99 3.19 23.10
N ASP A 270 -10.91 4.13 22.86
CA ASP A 270 -11.29 4.51 21.49
C ASP A 270 -10.29 5.46 20.82
N ILE A 271 -9.00 5.13 20.93
CA ILE A 271 -7.90 5.94 20.39
C ILE A 271 -7.00 5.01 19.60
N TRP A 272 -6.75 5.36 18.34
CA TRP A 272 -5.90 4.53 17.48
C TRP A 272 -4.43 4.86 17.67
N THR A 273 -3.60 3.81 17.66
CA THR A 273 -2.17 3.97 17.53
C THR A 273 -1.60 2.90 16.59
N TRP A 274 -0.29 2.87 16.37
CA TRP A 274 0.28 1.95 15.38
C TRP A 274 1.50 1.13 15.82
N HIS A 275 1.60 -0.05 15.21
CA HIS A 275 2.61 -1.07 15.47
C HIS A 275 3.07 -1.18 16.92
N ARG B 4 11.78 -27.42 -11.08
CA ARG B 4 11.57 -28.86 -11.29
C ARG B 4 12.52 -29.44 -12.34
N THR B 5 12.01 -29.63 -13.55
CA THR B 5 12.78 -30.20 -14.67
C THR B 5 13.44 -29.11 -15.49
N ARG B 6 14.67 -29.35 -15.95
CA ARG B 6 15.42 -28.36 -16.73
C ARG B 6 15.26 -28.49 -18.25
N ILE B 7 14.96 -27.35 -18.88
CA ILE B 7 14.65 -27.29 -20.30
C ILE B 7 15.75 -26.53 -21.06
N PRO B 8 15.86 -26.77 -22.38
CA PRO B 8 16.85 -26.06 -23.22
C PRO B 8 16.53 -24.58 -23.37
N PHE B 9 17.57 -23.76 -23.35
CA PHE B 9 17.47 -22.31 -23.56
C PHE B 9 17.32 -22.02 -25.05
N ASN B 10 16.50 -21.01 -25.39
CA ASN B 10 16.24 -20.71 -26.79
C ASN B 10 16.50 -19.25 -27.18
N GLY B 11 16.43 -18.35 -26.21
CA GLY B 11 16.63 -16.93 -26.46
C GLY B 11 18.08 -16.47 -26.62
N VAL B 12 18.75 -16.97 -27.66
CA VAL B 12 20.10 -16.53 -28.00
C VAL B 12 20.09 -15.07 -28.43
N GLY B 13 21.10 -14.31 -28.00
CA GLY B 13 21.22 -12.92 -28.41
C GLY B 13 20.37 -11.95 -27.61
N THR B 14 19.60 -12.46 -26.65
CA THR B 14 18.87 -11.60 -25.73
C THR B 14 19.71 -11.33 -24.47
N SER B 15 19.19 -10.58 -23.52
CA SER B 15 20.01 -10.16 -22.39
C SER B 15 19.73 -10.92 -21.11
N VAL B 16 18.88 -11.93 -21.18
CA VAL B 16 18.48 -12.63 -19.97
C VAL B 16 18.38 -14.15 -20.14
N LEU B 17 18.97 -14.87 -19.18
CA LEU B 17 18.85 -16.32 -19.09
C LEU B 17 17.90 -16.66 -17.94
N PRO B 18 16.72 -17.20 -18.26
CA PRO B 18 15.67 -17.52 -17.26
C PRO B 18 16.00 -18.74 -16.40
N ALA B 19 15.31 -18.82 -15.25
CA ALA B 19 15.49 -19.91 -14.29
C ALA B 19 15.27 -21.29 -14.92
N TYR B 20 16.04 -22.27 -14.45
CA TYR B 20 15.94 -23.67 -14.90
C TYR B 20 15.93 -23.83 -16.43
N GLN B 21 16.80 -23.09 -17.12
CA GLN B 21 16.99 -23.24 -18.55
C GLN B 21 18.47 -23.40 -18.87
N THR B 22 18.78 -24.34 -19.76
CA THR B 22 20.14 -24.74 -20.02
C THR B 22 20.74 -24.09 -21.25
N LEU B 23 21.85 -23.38 -21.04
CA LEU B 23 22.59 -22.74 -22.11
C LEU B 23 23.72 -23.67 -22.53
N SER B 24 23.60 -24.23 -23.72
CA SER B 24 24.63 -25.15 -24.24
C SER B 24 25.79 -24.38 -24.84
N ALA B 25 26.77 -25.12 -25.37
CA ALA B 25 27.93 -24.53 -26.01
C ALA B 25 27.53 -23.85 -27.32
N GLY B 26 28.17 -22.72 -27.62
CA GLY B 26 27.87 -21.97 -28.82
C GLY B 26 26.81 -20.89 -28.61
N GLN B 27 25.91 -21.12 -27.65
CA GLN B 27 24.87 -20.15 -27.33
C GLN B 27 25.46 -18.96 -26.56
N TYR B 28 24.67 -17.91 -26.37
CA TYR B 28 25.16 -16.69 -25.73
C TYR B 28 24.07 -15.63 -25.47
N LEU B 29 24.38 -14.71 -24.57
CA LEU B 29 23.55 -13.53 -24.29
C LEU B 29 24.23 -12.29 -24.90
N LEU B 30 23.45 -11.26 -25.21
CA LEU B 30 24.00 -9.95 -25.57
C LEU B 30 23.36 -8.86 -24.71
N SER B 31 24.14 -7.89 -24.28
CA SER B 31 23.59 -6.73 -23.59
C SER B 31 22.63 -6.01 -24.52
N PRO B 32 21.70 -5.25 -23.95
CA PRO B 32 20.72 -4.55 -24.80
C PRO B 32 21.36 -3.55 -25.77
N ASN B 33 22.46 -2.93 -25.40
CA ASN B 33 23.13 -1.99 -26.31
C ASN B 33 24.08 -2.72 -27.27
N GLN B 34 24.14 -4.04 -27.15
CA GLN B 34 24.88 -4.88 -28.11
C GLN B 34 26.41 -4.89 -27.93
N ARG B 35 26.91 -4.14 -26.95
CA ARG B 35 28.36 -4.05 -26.75
C ARG B 35 28.97 -5.30 -26.14
N PHE B 36 28.30 -5.87 -25.13
CA PHE B 36 28.85 -7.04 -24.44
C PHE B 36 28.20 -8.37 -24.85
N LYS B 37 29.02 -9.43 -24.87
CA LYS B 37 28.51 -10.78 -25.11
C LYS B 37 28.98 -11.74 -24.02
N LEU B 38 28.04 -12.56 -23.54
CA LEU B 38 28.39 -13.65 -22.63
C LEU B 38 28.31 -14.97 -23.40
N LEU B 39 29.44 -15.66 -23.53
CA LEU B 39 29.55 -16.79 -24.45
C LEU B 39 30.08 -18.06 -23.78
N LEU B 40 29.45 -19.19 -24.10
CA LEU B 40 29.93 -20.49 -23.63
C LEU B 40 30.63 -21.21 -24.78
N GLN B 41 31.96 -21.20 -24.76
CA GLN B 41 32.75 -21.76 -25.86
C GLN B 41 32.90 -23.28 -25.83
N GLY B 42 33.41 -23.84 -26.91
CA GLY B 42 33.68 -25.26 -26.97
C GLY B 42 34.80 -25.60 -25.99
N ASP B 43 35.75 -24.69 -25.88
CA ASP B 43 36.85 -24.78 -24.93
C ASP B 43 36.38 -25.28 -23.56
N GLY B 44 35.16 -24.90 -23.20
CA GLY B 44 34.62 -25.21 -21.88
C GLY B 44 34.73 -23.98 -20.98
N ASN B 45 35.11 -22.86 -21.58
CA ASN B 45 35.16 -21.59 -20.85
C ASN B 45 33.89 -20.77 -21.02
N LEU B 46 33.48 -20.10 -19.95
CA LEU B 46 32.43 -19.09 -20.01
C LEU B 46 33.09 -17.71 -20.05
N VAL B 47 32.90 -17.01 -21.16
CA VAL B 47 33.64 -15.79 -21.44
C VAL B 47 32.72 -14.58 -21.63
N ILE B 48 33.18 -13.40 -21.23
CA ILE B 48 32.48 -12.15 -21.55
C ILE B 48 33.33 -11.30 -22.48
N GLN B 49 32.73 -10.90 -23.60
CA GLN B 49 33.45 -10.18 -24.65
C GLN B 49 32.95 -8.75 -24.86
N ASP B 50 33.87 -7.80 -24.72
CA ASP B 50 33.58 -6.40 -24.98
C ASP B 50 34.03 -6.06 -26.39
N ASN B 51 33.08 -5.87 -27.29
CA ASN B 51 33.40 -5.60 -28.69
C ASN B 51 34.28 -6.68 -29.28
N GLY B 52 33.95 -7.94 -28.95
CA GLY B 52 34.69 -9.07 -29.49
C GLY B 52 35.91 -9.48 -28.69
N ALA B 53 36.37 -8.60 -27.79
CA ALA B 53 37.55 -8.87 -26.98
C ALA B 53 37.21 -9.42 -25.60
N THR B 54 37.70 -10.62 -25.29
CA THR B 54 37.46 -11.24 -24.00
C THR B 54 38.05 -10.39 -22.87
N VAL B 55 37.21 -10.04 -21.90
CA VAL B 55 37.63 -9.22 -20.77
C VAL B 55 37.38 -9.90 -19.43
N TRP B 56 36.74 -11.06 -19.47
CA TRP B 56 36.42 -11.83 -18.27
C TRP B 56 36.28 -13.31 -18.60
N VAL B 57 36.77 -14.16 -17.70
CA VAL B 57 36.63 -15.61 -17.86
C VAL B 57 36.21 -16.23 -16.54
N ALA B 58 35.15 -17.03 -16.57
CA ALA B 58 34.67 -17.70 -15.36
C ALA B 58 35.71 -18.70 -14.86
N ASN B 59 36.32 -18.39 -13.72
CA ASN B 59 37.35 -19.27 -13.15
C ASN B 59 37.54 -19.09 -11.65
N GLU B 60 38.60 -19.73 -11.14
CA GLU B 60 38.90 -19.75 -9.70
C GLU B 60 39.12 -18.36 -9.10
N GLN B 61 39.55 -17.42 -9.93
CA GLN B 61 39.95 -16.09 -9.45
C GLN B 61 38.78 -15.12 -9.23
N GLN B 62 37.60 -15.46 -9.75
CA GLN B 62 36.42 -14.60 -9.57
C GLN B 62 35.89 -14.66 -8.14
N PRO B 63 35.85 -13.51 -7.45
CA PRO B 63 35.39 -13.47 -6.06
C PRO B 63 33.94 -13.93 -5.89
N PHE B 64 33.64 -14.52 -4.75
CA PHE B 64 32.28 -14.99 -4.44
C PHE B 64 31.82 -16.02 -5.45
N SER B 65 32.76 -16.88 -5.84
CA SER B 65 32.45 -18.02 -6.67
C SER B 65 33.16 -19.24 -6.08
N SER B 66 32.74 -20.43 -6.47
CA SER B 66 33.37 -21.64 -5.99
C SER B 66 33.66 -22.57 -7.16
N THR B 67 34.61 -23.48 -6.98
CA THR B 67 34.87 -24.48 -7.98
C THR B 67 34.97 -25.84 -7.28
N ILE B 68 34.00 -26.71 -7.53
CA ILE B 68 33.97 -28.02 -6.91
C ILE B 68 34.19 -29.11 -7.96
N PRO B 69 34.53 -30.34 -7.51
CA PRO B 69 34.79 -31.45 -8.44
C PRO B 69 33.50 -31.97 -9.07
N LEU B 70 33.52 -32.26 -10.38
CA LEU B 70 32.38 -32.86 -11.05
C LEU B 70 32.49 -34.38 -11.10
N LYS B 73 30.04 -37.08 -13.94
CA LYS B 73 31.06 -37.59 -14.85
C LYS B 73 30.52 -37.72 -16.27
N LYS B 74 29.25 -38.13 -16.38
CA LYS B 74 28.62 -38.25 -17.69
C LYS B 74 27.93 -36.92 -18.04
N ALA B 75 28.17 -35.90 -17.23
CA ALA B 75 27.52 -34.60 -17.39
C ALA B 75 27.99 -33.84 -18.63
N PRO B 76 27.04 -33.23 -19.36
CA PRO B 76 27.35 -32.46 -20.57
C PRO B 76 27.85 -31.07 -20.23
N LEU B 77 28.50 -30.41 -21.19
CA LEU B 77 28.88 -29.01 -21.03
C LEU B 77 27.63 -28.13 -20.98
N ALA B 78 27.32 -27.59 -19.80
CA ALA B 78 26.12 -26.78 -19.63
C ALA B 78 26.27 -25.63 -18.65
N PHE B 79 25.57 -24.54 -18.92
CA PHE B 79 25.48 -23.41 -17.99
C PHE B 79 24.01 -23.14 -17.70
N TYR B 80 23.66 -22.95 -16.43
CA TYR B 80 22.26 -22.78 -16.08
C TYR B 80 22.06 -22.12 -14.73
N VAL B 81 20.86 -21.61 -14.51
CA VAL B 81 20.52 -20.96 -13.24
C VAL B 81 19.47 -21.75 -12.45
N GLN B 82 19.81 -22.14 -11.24
CA GLN B 82 18.84 -22.60 -10.27
C GLN B 82 19.09 -21.83 -8.98
N TYR B 83 18.51 -20.64 -8.91
CA TYR B 83 18.92 -19.63 -7.92
C TYR B 83 20.38 -19.21 -8.13
N GLY B 84 21.31 -20.15 -7.96
CA GLY B 84 22.71 -19.88 -8.26
C GLY B 84 22.97 -20.20 -9.73
N ALA B 85 24.09 -19.72 -10.26
CA ALA B 85 24.49 -20.05 -11.62
C ALA B 85 25.53 -21.17 -11.57
N PHE B 86 25.38 -22.17 -12.42
CA PHE B 86 26.26 -23.32 -12.41
C PHE B 86 26.89 -23.59 -13.77
N LEU B 87 28.19 -23.84 -13.77
CA LEU B 87 28.86 -24.29 -14.98
C LEU B 87 29.41 -25.71 -14.78
N ASP B 88 28.82 -26.67 -15.50
CA ASP B 88 29.30 -28.04 -15.48
C ASP B 88 30.34 -28.23 -16.57
N ASP B 89 31.61 -28.27 -16.20
CA ASP B 89 32.71 -28.38 -17.17
C ASP B 89 33.43 -29.72 -17.10
N TYR B 90 33.09 -30.62 -18.03
CA TYR B 90 33.71 -31.94 -18.10
C TYR B 90 35.20 -31.87 -18.45
N SER B 91 35.59 -30.91 -19.28
CA SER B 91 36.99 -30.72 -19.66
C SER B 91 37.90 -30.83 -18.43
N ARG B 92 37.83 -29.83 -17.55
CA ARG B 92 38.45 -29.92 -16.24
C ARG B 92 37.49 -30.74 -15.40
N ARG B 93 37.81 -30.96 -14.13
CA ARG B 93 36.93 -31.78 -13.29
C ARG B 93 36.12 -30.89 -12.37
N ARG B 94 35.38 -29.94 -12.94
CA ARG B 94 34.85 -28.82 -12.16
C ARG B 94 33.38 -28.48 -12.38
N VAL B 95 32.76 -28.01 -11.29
CA VAL B 95 31.54 -27.24 -11.37
C VAL B 95 31.92 -25.85 -10.92
N TRP B 96 31.73 -24.86 -11.79
CA TRP B 96 31.90 -23.47 -11.39
C TRP B 96 30.54 -22.93 -10.95
N LEU B 97 30.47 -22.41 -9.73
CA LEU B 97 29.21 -21.87 -9.24
C LEU B 97 29.38 -20.51 -8.56
N THR B 98 28.27 -19.77 -8.49
CA THR B 98 28.23 -18.47 -7.84
C THR B 98 27.83 -18.64 -6.40
N ASP B 99 28.47 -17.89 -5.50
CA ASP B 99 28.06 -17.88 -4.11
C ASP B 99 27.06 -16.75 -3.89
N ASN B 100 25.79 -17.02 -4.16
CA ASN B 100 24.74 -16.01 -4.04
C ASN B 100 24.54 -15.56 -2.61
N SER B 101 23.87 -14.43 -2.45
CA SER B 101 23.40 -13.95 -1.15
C SER B 101 22.49 -15.02 -0.53
N THR B 102 22.35 -15.01 0.79
CA THR B 102 21.52 -16.04 1.43
C THR B 102 20.07 -15.89 1.00
N PHE B 103 19.47 -16.99 0.58
CA PHE B 103 18.06 -17.02 0.20
C PHE B 103 17.16 -16.58 1.36
N THR B 104 15.93 -16.22 1.03
CA THR B 104 14.96 -15.80 2.03
C THR B 104 13.65 -16.58 1.85
N SER B 105 13.54 -17.30 0.73
CA SER B 105 12.29 -17.99 0.42
C SER B 105 12.48 -18.99 -0.70
N ASN B 106 11.81 -20.13 -0.58
CA ASN B 106 11.90 -21.20 -1.57
C ASN B 106 11.32 -20.82 -2.93
N ASP B 107 10.69 -19.66 -2.98
CA ASP B 107 10.10 -19.20 -4.23
C ASP B 107 11.16 -18.48 -5.07
N GLN B 108 12.21 -18.01 -4.42
CA GLN B 108 13.29 -17.29 -5.10
C GLN B 108 13.90 -18.16 -6.18
N TRP B 109 13.62 -19.45 -6.11
CA TRP B 109 14.21 -20.41 -7.04
C TRP B 109 13.51 -20.43 -8.41
N ASN B 110 12.27 -19.95 -8.46
CA ASN B 110 11.55 -19.85 -9.74
C ASN B 110 11.68 -18.49 -10.45
N ARG B 111 11.97 -17.44 -9.67
CA ARG B 111 11.99 -16.07 -10.20
C ARG B 111 13.39 -15.55 -10.59
N THR B 112 14.44 -16.21 -10.09
CA THR B 112 15.80 -15.73 -10.26
C THR B 112 16.39 -16.02 -11.64
N HIS B 113 16.80 -14.98 -12.34
CA HIS B 113 17.42 -15.14 -13.65
C HIS B 113 18.69 -14.30 -13.77
N LEU B 114 19.45 -14.56 -14.83
CA LEU B 114 20.73 -13.88 -15.04
C LEU B 114 20.62 -12.78 -16.09
N VAL B 115 21.05 -11.58 -15.75
CA VAL B 115 20.98 -10.47 -16.69
C VAL B 115 22.36 -10.02 -17.11
N LEU B 116 22.52 -9.74 -18.41
CA LEU B 116 23.74 -9.11 -18.88
C LEU B 116 23.43 -7.64 -19.14
N GLN B 117 23.91 -6.78 -18.24
CA GLN B 117 23.61 -5.35 -18.31
C GLN B 117 24.43 -4.58 -19.33
N ASP B 118 23.99 -3.35 -19.61
CA ASP B 118 24.72 -2.50 -20.55
C ASP B 118 26.07 -2.04 -20.05
N ASP B 119 26.39 -2.32 -18.79
CA ASP B 119 27.68 -1.91 -18.26
C ASP B 119 28.65 -3.09 -18.18
N GLY B 120 28.27 -4.21 -18.77
CA GLY B 120 29.15 -5.37 -18.82
C GLY B 120 28.99 -6.30 -17.63
N ASN B 121 28.29 -5.86 -16.59
CA ASN B 121 28.10 -6.72 -15.43
C ASN B 121 27.10 -7.86 -15.74
N ILE B 122 27.32 -9.01 -15.13
CA ILE B 122 26.27 -10.04 -15.11
C ILE B 122 25.75 -10.16 -13.70
N VAL B 123 24.43 -10.09 -13.58
CA VAL B 123 23.75 -9.98 -12.30
C VAL B 123 22.64 -11.04 -12.20
N LEU B 124 22.64 -11.83 -11.13
CA LEU B 124 21.54 -12.73 -10.85
C LEU B 124 20.46 -11.92 -10.15
N VAL B 125 19.26 -11.91 -10.74
CA VAL B 125 18.18 -11.04 -10.25
C VAL B 125 16.91 -11.83 -9.90
N ASP B 126 16.47 -11.68 -8.65
CA ASP B 126 15.17 -12.18 -8.18
C ASP B 126 14.11 -11.23 -8.71
N SER B 127 13.37 -11.65 -9.74
CA SER B 127 12.55 -10.73 -10.53
C SER B 127 11.10 -11.14 -10.64
N LEU B 128 10.20 -10.28 -10.17
CA LEU B 128 8.75 -10.52 -10.23
C LEU B 128 8.00 -9.41 -10.99
N ALA B 129 7.46 -9.75 -12.15
CA ALA B 129 6.54 -8.84 -12.86
C ALA B 129 5.15 -8.84 -12.22
N LEU B 130 4.91 -7.88 -11.33
CA LEU B 130 3.61 -7.74 -10.69
C LEU B 130 2.51 -7.47 -11.72
N TRP B 131 2.81 -6.66 -12.73
CA TRP B 131 1.84 -6.30 -13.75
C TRP B 131 2.57 -6.08 -15.07
N ASN B 132 2.09 -6.73 -16.13
CA ASN B 132 2.68 -6.58 -17.45
C ASN B 132 1.62 -6.12 -18.43
N GLY B 133 1.64 -4.84 -18.79
CA GLY B 133 0.62 -4.29 -19.66
C GLY B 133 0.70 -4.76 -21.10
N THR B 134 1.86 -5.29 -21.50
CA THR B 134 2.10 -5.63 -22.89
C THR B 134 2.74 -7.02 -23.05
N PRO B 135 1.98 -8.07 -22.72
CA PRO B 135 2.45 -9.47 -22.70
C PRO B 135 3.07 -9.91 -24.03
N ALA B 136 2.62 -9.32 -25.14
CA ALA B 136 3.16 -9.66 -26.44
C ALA B 136 4.58 -9.11 -26.66
N ILE B 137 5.01 -8.18 -25.80
CA ILE B 137 6.32 -7.55 -25.98
C ILE B 137 7.28 -8.03 -24.91
N PRO B 138 8.46 -8.49 -25.33
CA PRO B 138 9.45 -9.11 -24.45
C PRO B 138 9.96 -8.13 -23.40
N LEU B 139 10.13 -8.63 -22.18
CA LEU B 139 10.79 -7.86 -21.14
C LEU B 139 12.29 -7.84 -21.43
N VAL B 140 12.90 -6.66 -21.34
CA VAL B 140 14.31 -6.51 -21.65
C VAL B 140 14.99 -5.77 -20.50
N PRO B 141 15.52 -6.52 -19.53
CA PRO B 141 16.18 -5.89 -18.38
C PRO B 141 17.61 -5.44 -18.68
N GLY B 142 18.07 -4.39 -18.00
CA GLY B 142 19.45 -3.95 -18.10
C GLY B 142 19.80 -2.99 -19.23
N ALA B 143 18.82 -2.29 -19.78
CA ALA B 143 19.08 -1.30 -20.84
C ALA B 143 19.13 0.11 -20.26
N ILE B 144 20.17 0.88 -20.62
CA ILE B 144 20.34 2.26 -20.12
C ILE B 144 19.22 3.14 -20.66
N ASP B 145 18.69 2.63 -21.77
CA ASP B 145 17.62 3.16 -22.59
C ASP B 145 16.22 3.24 -21.91
N SER B 146 15.96 2.31 -21.01
CA SER B 146 14.63 2.21 -20.41
C SER B 146 14.35 3.40 -19.50
N LEU B 147 13.08 3.80 -19.41
CA LEU B 147 12.64 4.82 -18.47
C LEU B 147 12.07 4.16 -17.21
N LEU B 148 12.59 4.54 -16.04
CA LEU B 148 12.05 4.06 -14.77
C LEU B 148 11.37 5.19 -13.99
N LEU B 149 10.18 4.93 -13.47
CA LEU B 149 9.52 5.87 -12.58
C LEU B 149 9.44 5.24 -11.20
N ALA B 150 9.91 5.98 -10.20
CA ALA B 150 9.91 5.51 -8.82
C ALA B 150 8.53 5.70 -8.20
N PRO B 151 8.21 4.92 -7.16
CA PRO B 151 6.93 5.09 -6.45
C PRO B 151 6.76 6.52 -5.96
N GLY B 152 5.57 7.09 -6.12
CA GLY B 152 5.34 8.50 -5.79
C GLY B 152 5.52 9.48 -6.95
N SER B 153 5.37 9.03 -8.20
CA SER B 153 5.48 9.93 -9.35
C SER B 153 4.13 10.29 -9.95
N GLU B 154 3.81 11.58 -10.01
CA GLU B 154 2.60 12.02 -10.72
C GLU B 154 2.90 11.97 -12.20
N LEU B 155 1.91 11.61 -13.01
CA LEU B 155 2.08 11.70 -14.47
C LEU B 155 1.35 12.94 -14.94
N VAL B 156 2.10 13.99 -15.23
CA VAL B 156 1.51 15.27 -15.57
C VAL B 156 0.85 15.17 -16.93
N GLN B 157 -0.42 15.59 -17.00
CA GLN B 157 -1.19 15.50 -18.23
C GLN B 157 -0.50 16.24 -19.38
N GLY B 158 -0.33 15.54 -20.50
CA GLY B 158 0.24 16.14 -21.69
C GLY B 158 1.75 16.00 -21.82
N VAL B 159 2.43 15.68 -20.73
CA VAL B 159 3.88 15.52 -20.77
C VAL B 159 4.27 14.21 -21.46
N VAL B 160 5.27 14.27 -22.34
CA VAL B 160 5.77 13.07 -23.01
C VAL B 160 6.87 12.39 -22.19
N TYR B 161 6.55 11.25 -21.58
CA TYR B 161 7.55 10.46 -20.87
C TYR B 161 8.19 9.45 -21.83
N GLY B 162 9.47 9.63 -22.12
CA GLY B 162 10.06 8.95 -23.26
C GLY B 162 11.10 7.90 -22.96
N ALA B 163 11.14 6.87 -23.80
CA ALA B 163 12.22 5.89 -23.75
C ALA B 163 12.55 5.64 -25.20
N GLY B 164 13.64 6.26 -25.66
CA GLY B 164 13.92 6.32 -27.09
C GLY B 164 12.72 6.89 -27.84
N ALA B 165 12.28 6.19 -28.88
CA ALA B 165 11.10 6.61 -29.65
C ALA B 165 9.75 6.27 -29.02
N SER B 166 9.73 5.38 -28.02
CA SER B 166 8.48 5.06 -27.33
C SER B 166 8.12 6.10 -26.27
N LYS B 167 6.88 6.09 -25.80
CA LYS B 167 6.43 7.09 -24.84
C LYS B 167 5.21 6.64 -24.04
N LEU B 168 5.08 7.20 -22.84
CA LEU B 168 3.91 7.02 -22.01
C LEU B 168 3.31 8.40 -21.83
N VAL B 169 2.00 8.53 -22.06
CA VAL B 169 1.34 9.83 -21.96
C VAL B 169 0.00 9.75 -21.26
N PHE B 170 -0.21 10.61 -20.26
CA PHE B 170 -1.55 10.87 -19.72
C PHE B 170 -2.14 11.97 -20.61
N GLN B 171 -3.03 11.58 -21.52
CA GLN B 171 -3.47 12.48 -22.60
C GLN B 171 -4.59 13.44 -22.22
N GLY B 172 -4.84 14.40 -23.11
CA GLY B 172 -5.93 15.35 -22.97
C GLY B 172 -7.32 14.74 -22.91
N ASP B 173 -7.54 13.60 -23.56
CA ASP B 173 -8.85 12.91 -23.45
C ASP B 173 -8.99 12.11 -22.14
N GLY B 174 -7.97 12.13 -21.31
CA GLY B 174 -8.01 11.42 -20.05
C GLY B 174 -7.55 9.97 -20.12
N ASN B 175 -7.23 9.51 -21.33
CA ASN B 175 -6.68 8.17 -21.48
C ASN B 175 -5.21 8.13 -21.08
N LEU B 176 -4.79 6.99 -20.53
CA LEU B 176 -3.38 6.76 -20.21
C LEU B 176 -2.87 5.71 -21.19
N VAL B 177 -1.85 6.04 -21.98
CA VAL B 177 -1.48 5.22 -23.13
C VAL B 177 0.04 5.06 -23.30
N ALA B 178 0.47 3.85 -23.58
CA ALA B 178 1.86 3.61 -23.96
C ALA B 178 1.92 3.41 -25.47
N TYR B 179 2.91 4.05 -26.12
CA TYR B 179 3.09 3.93 -27.56
C TYR B 179 4.45 3.29 -27.84
N GLY B 180 4.51 2.45 -28.88
CA GLY B 180 5.74 1.81 -29.26
C GLY B 180 6.57 2.66 -30.22
N PRO B 181 7.71 2.12 -30.68
CA PRO B 181 8.69 2.89 -31.45
C PRO B 181 8.22 3.26 -32.87
N ASN B 182 7.13 2.66 -33.34
CA ASN B 182 6.61 3.00 -34.65
C ASN B 182 5.38 3.92 -34.55
N GLY B 183 5.07 4.36 -33.33
CA GLY B 183 4.00 5.33 -33.14
C GLY B 183 2.66 4.72 -32.78
N ALA B 184 2.56 3.40 -32.87
CA ALA B 184 1.31 2.71 -32.55
C ALA B 184 1.18 2.42 -31.06
N ALA B 185 -0.04 2.52 -30.53
CA ALA B 185 -0.31 2.21 -29.13
C ALA B 185 0.03 0.76 -28.82
N THR B 186 0.69 0.51 -27.70
CA THR B 186 0.92 -0.86 -27.26
C THR B 186 -0.02 -1.28 -26.12
N TRP B 187 -0.51 -0.29 -25.39
CA TRP B 187 -1.40 -0.53 -24.26
C TRP B 187 -2.12 0.78 -23.93
N ASN B 188 -3.38 0.68 -23.50
CA ASN B 188 -4.07 1.83 -22.92
C ASN B 188 -4.98 1.43 -21.76
N ALA B 189 -5.23 2.38 -20.85
CA ALA B 189 -6.02 2.09 -19.66
C ALA B 189 -7.51 2.07 -19.98
N GLY B 190 -7.88 2.76 -21.05
CA GLY B 190 -9.26 2.82 -21.50
C GLY B 190 -10.09 3.81 -20.70
N THR B 191 -9.47 4.91 -20.30
CA THR B 191 -10.15 5.88 -19.44
C THR B 191 -10.57 7.15 -20.17
N GLN B 192 -10.59 7.11 -21.50
CA GLN B 192 -10.93 8.31 -22.27
C GLN B 192 -12.40 8.67 -22.08
N GLY B 193 -12.68 9.98 -22.07
CA GLY B 193 -14.04 10.48 -21.95
C GLY B 193 -14.77 10.14 -20.67
N LYS B 194 -14.06 9.70 -19.64
CA LYS B 194 -14.67 9.35 -18.36
C LYS B 194 -14.35 10.35 -17.25
N GLY B 195 -13.80 11.50 -17.61
CA GLY B 195 -13.50 12.54 -16.64
C GLY B 195 -12.28 12.31 -15.77
N ALA B 196 -11.26 11.63 -16.30
CA ALA B 196 -10.02 11.41 -15.55
C ALA B 196 -9.42 12.76 -15.18
N VAL B 197 -8.91 12.91 -13.96
CA VAL B 197 -8.26 14.17 -13.60
C VAL B 197 -6.83 13.98 -13.08
N ARG B 198 -6.45 12.74 -12.80
CA ARG B 198 -5.14 12.50 -12.20
C ARG B 198 -4.67 11.08 -12.48
N ALA B 199 -3.38 10.92 -12.80
CA ALA B 199 -2.77 9.61 -13.02
C ALA B 199 -1.48 9.59 -12.23
N VAL B 200 -1.30 8.56 -11.40
CA VAL B 200 -0.16 8.55 -10.48
C VAL B 200 0.35 7.13 -10.22
N PHE B 201 1.68 6.99 -10.16
CA PHE B 201 2.31 5.78 -9.68
C PHE B 201 2.64 6.01 -8.22
N GLN B 202 1.77 5.52 -7.35
CA GLN B 202 1.76 5.86 -5.93
C GLN B 202 2.91 5.30 -5.10
N GLY B 203 3.04 5.85 -3.91
CA GLY B 203 4.05 5.37 -2.97
C GLY B 203 3.86 3.91 -2.57
N ASP B 204 2.65 3.38 -2.72
CA ASP B 204 2.40 1.98 -2.37
C ASP B 204 2.60 1.04 -3.57
N GLY B 205 3.07 1.57 -4.69
CA GLY B 205 3.34 0.76 -5.87
C GLY B 205 2.16 0.48 -6.80
N ASN B 206 1.00 1.08 -6.52
CA ASN B 206 -0.16 0.97 -7.41
C ASN B 206 -0.16 2.11 -8.45
N LEU B 207 -0.47 1.78 -9.71
CA LEU B 207 -0.64 2.79 -10.75
C LEU B 207 -2.13 3.03 -10.89
N VAL B 208 -2.56 4.27 -10.70
CA VAL B 208 -3.99 4.57 -10.59
C VAL B 208 -4.40 5.76 -11.46
N VAL B 209 -5.55 5.65 -12.11
CA VAL B 209 -6.15 6.81 -12.75
C VAL B 209 -7.39 7.19 -11.95
N TYR B 210 -7.42 8.43 -11.48
CA TYR B 210 -8.53 8.92 -10.68
C TYR B 210 -9.41 9.85 -11.49
N GLY B 211 -10.72 9.78 -11.26
CA GLY B 211 -11.65 10.71 -11.89
C GLY B 211 -12.35 11.61 -10.88
N ALA B 212 -13.50 12.14 -11.30
CA ALA B 212 -14.32 12.99 -10.43
C ALA B 212 -14.61 12.34 -9.08
N GLY B 213 -14.66 13.16 -8.04
CA GLY B 213 -14.96 12.68 -6.69
C GLY B 213 -13.91 11.69 -6.20
N ASN B 214 -12.71 11.80 -6.76
CA ASN B 214 -11.61 10.88 -6.44
C ASN B 214 -11.93 9.41 -6.68
N ALA B 215 -12.84 9.13 -7.61
CA ALA B 215 -13.19 7.74 -7.91
C ALA B 215 -12.09 7.06 -8.70
N VAL B 216 -11.80 5.82 -8.37
CA VAL B 216 -10.83 5.06 -9.14
C VAL B 216 -11.44 4.63 -10.47
N LEU B 217 -10.89 5.14 -11.58
CA LEU B 217 -11.33 4.74 -12.92
C LEU B 217 -10.61 3.49 -13.42
N TRP B 218 -9.35 3.32 -13.04
CA TRP B 218 -8.58 2.15 -13.42
C TRP B 218 -7.38 2.04 -12.50
N HIS B 219 -6.97 0.81 -12.19
CA HIS B 219 -5.70 0.61 -11.49
C HIS B 219 -5.06 -0.72 -11.80
N SER B 220 -3.77 -0.83 -11.49
CA SER B 220 -2.98 -1.99 -11.87
C SER B 220 -3.06 -3.11 -10.83
N HIS B 221 -3.71 -2.82 -9.71
CA HIS B 221 -3.88 -3.81 -8.65
C HIS B 221 -2.55 -4.26 -8.07
N THR B 222 -1.61 -3.34 -7.92
CA THR B 222 -0.30 -3.70 -7.40
C THR B 222 0.07 -2.94 -6.13
N GLY B 223 -0.93 -2.43 -5.42
CA GLY B 223 -0.69 -1.75 -4.16
C GLY B 223 -0.08 -2.71 -3.15
N GLY B 224 0.73 -2.18 -2.23
CA GLY B 224 1.38 -2.99 -1.22
C GLY B 224 2.83 -3.30 -1.53
N HIS B 225 3.35 -2.76 -2.63
CA HIS B 225 4.74 -3.02 -3.02
C HIS B 225 5.55 -1.73 -3.16
N ALA B 226 6.01 -1.24 -2.02
CA ALA B 226 6.67 0.06 -1.91
C ALA B 226 8.03 0.11 -2.62
N SER B 227 8.53 -1.05 -2.99
CA SER B 227 9.84 -1.14 -3.64
C SER B 227 9.74 -1.49 -5.12
N ALA B 228 8.52 -1.56 -5.65
CA ALA B 228 8.35 -1.78 -7.10
C ALA B 228 8.82 -0.57 -7.92
N VAL B 229 9.07 -0.77 -9.21
CA VAL B 229 9.28 0.35 -10.14
C VAL B 229 8.40 0.19 -11.37
N LEU B 230 8.06 1.30 -12.02
CA LEU B 230 7.34 1.29 -13.30
C LEU B 230 8.34 1.50 -14.43
N ARG B 231 8.44 0.56 -15.36
CA ARG B 231 9.42 0.64 -16.44
C ARG B 231 8.76 0.69 -17.81
N LEU B 232 9.11 1.71 -18.61
CA LEU B 232 8.75 1.77 -20.02
C LEU B 232 10.03 1.51 -20.80
N GLN B 233 9.98 0.54 -21.70
CA GLN B 233 11.16 0.15 -22.48
C GLN B 233 11.14 0.84 -23.85
N ALA B 234 12.30 0.92 -24.49
CA ALA B 234 12.39 1.57 -25.79
C ALA B 234 11.60 0.79 -26.85
N ASN B 235 11.33 -0.48 -26.57
CA ASN B 235 10.58 -1.30 -27.51
C ASN B 235 9.07 -1.23 -27.28
N GLY B 236 8.63 -0.43 -26.31
CA GLY B 236 7.20 -0.25 -26.11
C GLY B 236 6.58 -1.03 -24.94
N SER B 237 7.38 -1.90 -24.32
CA SER B 237 6.91 -2.65 -23.14
C SER B 237 6.63 -1.74 -21.97
N ILE B 238 5.50 -1.94 -21.29
CA ILE B 238 5.27 -1.25 -20.03
C ILE B 238 4.88 -2.25 -18.93
N ALA B 239 5.56 -2.16 -17.80
CA ALA B 239 5.34 -3.10 -16.71
C ALA B 239 5.77 -2.56 -15.35
N ILE B 240 5.25 -3.19 -14.30
CA ILE B 240 5.60 -2.85 -12.93
C ILE B 240 6.33 -4.05 -12.31
N LEU B 241 7.55 -3.84 -11.83
CA LEU B 241 8.39 -4.94 -11.40
C LEU B 241 8.87 -4.81 -9.95
N ASP B 242 8.97 -5.94 -9.25
CA ASP B 242 9.58 -5.99 -7.93
C ASP B 242 10.82 -6.87 -8.06
N GLU B 243 12.00 -6.28 -7.89
CA GLU B 243 13.25 -6.96 -8.22
C GLU B 243 14.35 -6.72 -7.22
N LYS B 244 15.16 -7.75 -6.99
CA LYS B 244 16.32 -7.65 -6.13
C LYS B 244 17.41 -8.52 -6.70
N PRO B 245 18.65 -7.99 -6.75
CA PRO B 245 19.78 -8.80 -7.22
C PRO B 245 20.34 -9.65 -6.07
N VAL B 246 20.87 -10.82 -6.40
CA VAL B 246 21.46 -11.71 -5.39
C VAL B 246 22.91 -12.13 -5.72
N TRP B 247 23.47 -11.60 -6.82
CA TRP B 247 24.88 -11.84 -7.19
C TRP B 247 25.28 -11.03 -8.42
N ALA B 248 26.57 -10.70 -8.53
CA ALA B 248 27.14 -10.04 -9.73
C ALA B 248 28.65 -10.26 -9.80
N ARG B 249 29.24 -10.16 -11.01
CA ARG B 249 30.67 -10.42 -11.21
C ARG B 249 31.55 -9.31 -10.64
N PHE B 250 31.06 -8.08 -10.68
CA PHE B 250 31.73 -6.98 -9.99
C PHE B 250 30.72 -6.10 -9.27
N GLY B 251 31.21 -5.25 -8.37
CA GLY B 251 30.36 -4.40 -7.56
C GLY B 251 29.75 -5.14 -6.38
N PHE B 252 29.09 -6.25 -6.67
CA PHE B 252 28.42 -7.04 -5.63
C PHE B 252 29.34 -7.49 -4.48
N GLN B 253 28.87 -7.27 -3.25
CA GLN B 253 29.39 -7.97 -2.08
C GLN B 253 28.22 -8.42 -1.20
N PRO B 254 28.35 -9.59 -0.55
CA PRO B 254 27.25 -10.20 0.20
C PRO B 254 26.67 -9.29 1.29
N THR B 255 27.47 -8.34 1.76
CA THR B 255 27.06 -7.49 2.88
C THR B 255 26.53 -6.12 2.44
N TYR B 256 26.75 -5.78 1.18
CA TYR B 256 26.44 -4.45 0.66
C TYR B 256 24.95 -4.26 0.36
N ARG B 257 24.49 -3.02 0.52
CA ARG B 257 23.13 -2.66 0.15
C ARG B 257 23.06 -2.44 -1.37
N HIS B 258 22.04 -2.98 -2.02
CA HIS B 258 21.88 -2.81 -3.45
C HIS B 258 21.06 -1.57 -3.78
N ILE B 259 21.33 -0.97 -4.94
CA ILE B 259 20.65 0.26 -5.32
C ILE B 259 20.78 0.44 -6.82
N ARG B 260 19.78 1.04 -7.45
CA ARG B 260 19.87 1.36 -8.87
C ARG B 260 20.70 2.63 -9.11
N LYS B 261 21.55 2.59 -10.14
CA LYS B 261 22.30 3.77 -10.52
C LYS B 261 21.32 4.88 -10.87
N ILE B 262 21.68 6.12 -10.55
CA ILE B 262 20.90 7.25 -11.04
C ILE B 262 21.76 8.07 -12.01
N ASN B 263 21.10 8.84 -12.87
CA ASN B 263 21.80 9.72 -13.81
C ASN B 263 21.80 11.18 -13.31
N PRO B 264 22.32 12.12 -14.11
CA PRO B 264 22.29 13.53 -13.69
C PRO B 264 20.94 13.94 -13.07
N ASP B 265 19.84 13.58 -13.71
CA ASP B 265 18.51 13.80 -13.14
C ASP B 265 18.37 12.89 -11.91
N GLN B 266 17.45 13.22 -11.02
CA GLN B 266 17.27 12.42 -9.81
C GLN B 266 16.68 11.03 -10.12
N LYS B 267 16.62 10.69 -11.41
CA LYS B 267 15.93 9.48 -11.87
C LYS B 267 16.81 8.25 -12.05
N PRO B 268 16.33 7.10 -11.58
CA PRO B 268 17.06 5.83 -11.66
C PRO B 268 17.09 5.27 -13.08
N ILE B 269 18.09 4.45 -13.37
CA ILE B 269 18.14 3.68 -14.60
C ILE B 269 18.29 2.20 -14.22
N ASP B 270 18.03 1.34 -15.18
CA ASP B 270 17.86 -0.10 -14.96
C ASP B 270 19.19 -0.84 -14.87
N ILE B 271 20.12 -0.29 -14.08
CA ILE B 271 21.45 -0.84 -13.90
C ILE B 271 21.71 -0.95 -12.40
N TRP B 272 21.99 -2.16 -11.92
CA TRP B 272 22.24 -2.36 -10.51
C TRP B 272 23.66 -1.96 -10.11
N THR B 273 23.79 -1.47 -8.88
CA THR B 273 25.08 -1.23 -8.26
C THR B 273 24.98 -1.42 -6.74
N TRP B 274 26.10 -1.34 -6.03
CA TRP B 274 26.11 -1.68 -4.61
C TRP B 274 26.70 -0.62 -3.65
N HIS B 275 26.07 -0.53 -2.47
CA HIS B 275 26.46 0.37 -1.38
C HIS B 275 26.75 1.80 -1.83
#